data_4OFH
#
_entry.id   4OFH
#
_cell.length_a   40.983
_cell.length_b   57.640
_cell.length_c   105.100
_cell.angle_alpha   90.00
_cell.angle_beta   90.00
_cell.angle_gamma   90.00
#
_symmetry.space_group_name_H-M   'P 21 21 21'
#
loop_
_entity.id
_entity.type
_entity.pdbx_description
1 polymer 'Methyl-CpG-binding domain protein 4'
2 polymer '12-mer DNA(T)'
3 polymer '12-mer DNA(O6MeG)'
4 non-polymer 'MAGNESIUM ION'
5 water water
#
loop_
_entity_poly.entity_id
_entity_poly.type
_entity_poly.pdbx_seq_one_letter_code
_entity_poly.pdbx_strand_id
1 'polypeptide(L)'
;MGSSHHHHHHSSGLVPRGSHMASMTGGQQMGRGSEFMALSPPRRKAFKKWTPPRSPFNLVQETLFHDPWKLLIATIFLNR
TSGKMAIPVLWKFLEKYPSAEVARTADWRDVSELLKPLGLYDLRAKTIVKFSDEYLTKQWKYPIELHGIGKYGNDSYRIF
CVNEWKQVHPENHKLNKYHDWLWENHEKLSLS
;
A
2 'polydeoxyribonucleotide' (DC)(DC)(DA)(DG)(DC)(DG)(DT)(DG)(DC)(DA)(DG)(DC) C
3 'polydeoxyribonucleotide' (DG)(DC)(DT)(DG)(DC)(6OG)(DC)(DG)(DC)(DT)(DG)(DG) D
#
loop_
_chem_comp.id
_chem_comp.type
_chem_comp.name
_chem_comp.formula
6OG DNA linking '6-O-METHYL GUANOSINE-5'-MONOPHOSPHATE' 'C11 H16 N5 O7 P'
DA DNA linking 2'-DEOXYADENOSINE-5'-MONOPHOSPHATE 'C10 H14 N5 O6 P'
DC DNA linking 2'-DEOXYCYTIDINE-5'-MONOPHOSPHATE 'C9 H14 N3 O7 P'
DG DNA linking 2'-DEOXYGUANOSINE-5'-MONOPHOSPHATE 'C10 H14 N5 O7 P'
DT DNA linking THYMIDINE-5'-MONOPHOSPHATE 'C10 H15 N2 O8 P'
MG non-polymer 'MAGNESIUM ION' 'Mg 2'
#
# COMPACT_ATOMS: atom_id res chain seq x y z
N TRP A 50 12.15 -13.18 -3.08
CA TRP A 50 10.79 -13.29 -2.44
C TRP A 50 9.72 -12.76 -3.37
N THR A 51 8.88 -13.68 -3.84
CA THR A 51 7.74 -13.34 -4.66
C THR A 51 6.51 -13.88 -3.97
N PRO A 52 5.68 -12.99 -3.39
CA PRO A 52 4.48 -13.50 -2.73
C PRO A 52 3.55 -14.07 -3.80
N PRO A 53 2.88 -15.19 -3.52
CA PRO A 53 2.09 -15.85 -4.54
C PRO A 53 0.76 -15.17 -4.77
N ARG A 54 0.19 -15.37 -5.96
CA ARG A 54 -1.09 -14.78 -6.33
C ARG A 54 -2.20 -15.54 -5.59
N SER A 55 -3.30 -14.94 -5.20
CA SER A 55 -4.28 -15.71 -4.41
C SER A 55 -5.62 -15.68 -5.12
N PRO A 56 -6.57 -16.50 -4.66
CA PRO A 56 -7.88 -16.40 -5.23
C PRO A 56 -8.59 -15.11 -4.79
N PHE A 57 -8.02 -14.35 -3.84
CA PHE A 57 -8.65 -13.11 -3.39
C PHE A 57 -8.16 -11.90 -4.13
N ASN A 58 -7.14 -12.03 -4.95
CA ASN A 58 -6.68 -10.90 -5.76
C ASN A 58 -6.42 -9.59 -5.02
N LEU A 59 -5.70 -9.64 -3.91
CA LEU A 59 -5.25 -8.39 -3.28
C LEU A 59 -4.36 -7.66 -4.29
N VAL A 60 -4.55 -6.35 -4.40
CA VAL A 60 -3.70 -5.58 -5.30
C VAL A 60 -2.23 -5.65 -4.82
N GLN A 61 -2.00 -5.88 -3.54
CA GLN A 61 -0.60 -6.03 -3.05
C GLN A 61 0.18 -7.12 -3.81
N GLU A 62 -0.52 -8.13 -4.28
CA GLU A 62 0.09 -9.23 -4.99
C GLU A 62 0.78 -8.74 -6.29
N THR A 63 0.25 -7.69 -6.95
CA THR A 63 0.88 -7.25 -8.18
C THR A 63 1.84 -6.08 -7.94
N LEU A 64 1.79 -5.43 -6.78
CA LEU A 64 2.59 -4.22 -6.54
C LEU A 64 3.79 -4.42 -5.61
N PHE A 65 4.01 -5.64 -5.19
CA PHE A 65 5.04 -5.97 -4.19
C PHE A 65 6.45 -5.57 -4.60
N HIS A 66 6.71 -5.50 -5.90
CA HIS A 66 8.08 -5.23 -6.41
C HIS A 66 8.53 -3.83 -6.06
N ASP A 67 7.57 -2.93 -5.78
CA ASP A 67 7.83 -1.54 -5.52
C ASP A 67 7.11 -1.11 -4.25
N PRO A 68 7.82 -1.14 -3.11
CA PRO A 68 7.19 -0.87 -1.82
C PRO A 68 6.48 0.47 -1.73
N TRP A 69 7.05 1.51 -2.35
CA TRP A 69 6.39 2.79 -2.34
C TRP A 69 5.02 2.69 -2.96
N LYS A 70 4.93 2.02 -4.11
CA LYS A 70 3.65 1.87 -4.77
C LYS A 70 2.66 1.00 -3.98
N LEU A 71 3.15 -0.12 -3.46
CA LEU A 71 2.31 -0.98 -2.60
C LEU A 71 1.78 -0.11 -1.43
N LEU A 72 2.65 0.67 -0.79
CA LEU A 72 2.27 1.41 0.37
C LEU A 72 1.29 2.53 -0.01
N ILE A 73 1.53 3.15 -1.15
CA ILE A 73 0.55 4.14 -1.64
C ILE A 73 -0.83 3.45 -1.84
N ALA A 74 -0.79 2.24 -2.36
CA ALA A 74 -2.03 1.49 -2.55
C ALA A 74 -2.79 1.27 -1.26
N THR A 75 -2.06 0.91 -0.21
CA THR A 75 -2.69 0.71 1.10
C THR A 75 -3.42 1.97 1.53
N ILE A 76 -2.80 3.13 1.29
CA ILE A 76 -3.37 4.39 1.70
C ILE A 76 -4.66 4.63 0.91
N PHE A 77 -4.60 4.32 -0.40
CA PHE A 77 -5.76 4.45 -1.29
C PHE A 77 -6.92 3.61 -0.85
N LEU A 78 -6.62 2.50 -0.21
CA LEU A 78 -7.62 1.56 0.24
C LEU A 78 -8.07 1.83 1.68
N ASN A 79 -7.59 2.92 2.30
CA ASN A 79 -8.06 3.27 3.64
C ASN A 79 -9.55 3.59 3.64
N ARG A 80 -10.35 2.68 4.23
CA ARG A 80 -11.82 2.79 4.25
C ARG A 80 -12.43 3.19 2.92
N THR A 81 -11.86 2.65 1.84
CA THR A 81 -12.29 2.90 0.48
C THR A 81 -12.33 1.55 -0.25
N SER A 82 -13.38 1.28 -1.01
CA SER A 82 -13.41 0.01 -1.77
C SER A 82 -12.35 -0.02 -2.86
N GLY A 83 -11.78 -1.21 -3.10
CA GLY A 83 -10.87 -1.39 -4.21
C GLY A 83 -11.48 -1.09 -5.58
N LYS A 84 -12.76 -1.38 -5.76
CA LYS A 84 -13.48 -1.06 -7.00
C LYS A 84 -13.31 0.41 -7.37
N MET A 85 -13.39 1.28 -6.36
CA MET A 85 -13.30 2.71 -6.62
C MET A 85 -11.87 3.15 -6.62
N ALA A 86 -11.11 2.65 -5.66
CA ALA A 86 -9.77 3.17 -5.43
C ALA A 86 -8.77 2.76 -6.50
N ILE A 87 -8.82 1.52 -6.91
CA ILE A 87 -7.75 1.00 -7.78
C ILE A 87 -7.69 1.68 -9.19
N PRO A 88 -8.84 1.96 -9.81
CA PRO A 88 -8.75 2.76 -11.03
C PRO A 88 -8.12 4.13 -10.82
N VAL A 89 -8.45 4.80 -9.73
CA VAL A 89 -7.79 6.11 -9.45
C VAL A 89 -6.28 5.95 -9.21
N LEU A 90 -5.90 4.83 -8.59
CA LEU A 90 -4.52 4.57 -8.33
C LEU A 90 -3.66 4.62 -9.59
N TRP A 91 -4.15 4.05 -10.68
CA TRP A 91 -3.32 4.04 -11.91
C TRP A 91 -3.15 5.44 -12.45
N LYS A 92 -4.19 6.27 -12.34
CA LYS A 92 -4.08 7.65 -12.81
C LYS A 92 -3.08 8.36 -11.96
N PHE A 93 -3.13 8.09 -10.66
CA PHE A 93 -2.19 8.72 -9.74
C PHE A 93 -0.76 8.34 -10.05
N LEU A 94 -0.51 7.06 -10.27
CA LEU A 94 0.87 6.62 -10.55
C LEU A 94 1.36 7.09 -11.91
N GLU A 95 0.42 7.39 -12.81
CA GLU A 95 0.74 7.96 -14.11
C GLU A 95 1.32 9.36 -13.94
N LYS A 96 0.61 10.20 -13.18
CA LYS A 96 1.03 11.57 -12.92
C LYS A 96 2.21 11.66 -11.96
N TYR A 97 2.26 10.76 -10.96
CA TYR A 97 3.35 10.70 -9.98
C TYR A 97 3.94 9.30 -9.96
N PRO A 98 4.93 9.03 -10.80
CA PRO A 98 5.45 7.66 -10.91
C PRO A 98 6.32 7.17 -9.76
N SER A 99 6.72 8.08 -8.87
CA SER A 99 7.64 7.73 -7.83
C SER A 99 7.56 8.68 -6.64
N ALA A 100 8.21 8.26 -5.56
CA ALA A 100 8.24 9.06 -4.35
C ALA A 100 9.03 10.35 -4.60
N GLU A 101 10.08 10.22 -5.41
CA GLU A 101 10.95 11.37 -5.82
C GLU A 101 10.11 12.53 -6.37
N VAL A 102 9.09 12.19 -7.16
CA VAL A 102 8.18 13.16 -7.73
C VAL A 102 7.08 13.53 -6.78
N ALA A 103 6.44 12.51 -6.20
CA ALA A 103 5.24 12.73 -5.39
C ALA A 103 5.55 13.66 -4.23
N ARG A 104 6.75 13.56 -3.65
CA ARG A 104 7.02 14.41 -2.50
C ARG A 104 7.17 15.88 -2.89
N THR A 105 7.20 16.19 -4.20
CA THR A 105 7.25 17.60 -4.66
C THR A 105 5.90 18.10 -5.10
N ALA A 106 4.87 17.26 -5.01
CA ALA A 106 3.58 17.59 -5.58
C ALA A 106 2.82 18.66 -4.79
N ASP A 107 1.94 19.33 -5.49
CA ASP A 107 0.94 20.17 -4.88
C ASP A 107 -0.21 19.27 -4.41
N TRP A 108 -0.46 19.28 -3.11
CA TRP A 108 -1.42 18.39 -2.49
C TRP A 108 -2.85 18.66 -2.97
N ARG A 109 -3.09 19.86 -3.48
CA ARG A 109 -4.39 20.16 -4.05
C ARG A 109 -4.65 19.42 -5.35
N ASP A 110 -3.60 19.18 -6.12
CA ASP A 110 -3.73 18.44 -7.37
C ASP A 110 -4.08 17.02 -7.04
N VAL A 111 -3.30 16.44 -6.11
CA VAL A 111 -3.58 15.08 -5.62
C VAL A 111 -5.01 14.97 -5.09
N SER A 112 -5.44 15.97 -4.32
CA SER A 112 -6.80 15.95 -3.76
C SER A 112 -7.86 15.86 -4.84
N GLU A 113 -7.61 16.54 -5.96
CA GLU A 113 -8.57 16.52 -7.09
C GLU A 113 -8.79 15.12 -7.60
N LEU A 114 -7.69 14.38 -7.76
CA LEU A 114 -7.77 12.94 -8.12
C LEU A 114 -8.54 12.10 -7.11
N LEU A 115 -8.30 12.34 -5.82
CA LEU A 115 -8.92 11.54 -4.75
C LEU A 115 -10.35 11.90 -4.48
N LYS A 116 -10.80 13.04 -5.00
CA LYS A 116 -12.15 13.55 -4.71
C LYS A 116 -13.26 12.51 -4.71
N PRO A 117 -13.31 11.65 -5.76
CA PRO A 117 -14.40 10.66 -5.75
C PRO A 117 -14.28 9.56 -4.70
N LEU A 118 -13.10 9.44 -4.08
CA LEU A 118 -12.83 8.32 -3.13
C LEU A 118 -13.21 8.66 -1.71
N GLY A 119 -13.49 9.94 -1.46
CA GLY A 119 -13.62 10.45 -0.12
C GLY A 119 -12.24 10.60 0.52
N LEU A 120 -12.22 11.20 1.71
CA LEU A 120 -10.97 11.48 2.43
C LEU A 120 -9.95 12.12 1.53
N TYR A 121 -10.34 13.12 0.76
CA TYR A 121 -9.50 13.59 -0.34
C TYR A 121 -8.39 14.54 0.10
N ASP A 122 -8.70 15.48 0.99
CA ASP A 122 -7.68 16.41 1.51
C ASP A 122 -6.72 15.74 2.48
N LEU A 123 -7.26 14.99 3.41
CA LEU A 123 -6.46 14.24 4.42
C LEU A 123 -5.39 13.42 3.71
N ARG A 124 -5.86 12.57 2.81
CA ARG A 124 -4.98 11.62 2.14
C ARG A 124 -4.00 12.25 1.20
N ALA A 125 -4.39 13.36 0.58
CA ALA A 125 -3.49 14.05 -0.35
C ALA A 125 -2.30 14.63 0.37
N LYS A 126 -2.56 15.21 1.53
CA LYS A 126 -1.47 15.75 2.37
C LYS A 126 -0.66 14.61 2.94
N THR A 127 -1.34 13.56 3.34
CA THR A 127 -0.63 12.39 3.85
C THR A 127 0.28 11.81 2.79
N ILE A 128 -0.23 11.68 1.56
CA ILE A 128 0.58 11.10 0.47
C ILE A 128 1.90 11.87 0.19
N VAL A 129 1.81 13.20 0.23
CA VAL A 129 3.02 14.00 -0.07
C VAL A 129 4.02 13.87 1.07
N LYS A 130 3.55 14.02 2.33
CA LYS A 130 4.43 13.80 3.50
C LYS A 130 4.98 12.38 3.63
N PHE A 131 4.11 11.40 3.44
CA PHE A 131 4.56 10.03 3.44
C PHE A 131 5.68 9.85 2.43
N SER A 132 5.45 10.32 1.20
CA SER A 132 6.46 10.15 0.11
C SER A 132 7.78 10.84 0.49
N ASP A 133 7.68 12.02 1.08
CA ASP A 133 8.84 12.78 1.57
C ASP A 133 9.67 11.99 2.58
N GLU A 134 9.03 11.51 3.65
CA GLU A 134 9.69 10.68 4.67
C GLU A 134 10.17 9.36 4.12
N TYR A 135 9.39 8.75 3.24
CA TYR A 135 9.83 7.47 2.65
C TYR A 135 11.26 7.57 2.10
N LEU A 136 11.58 8.69 1.47
CA LEU A 136 12.89 8.84 0.81
C LEU A 136 13.95 9.47 1.71
N THR A 137 13.52 10.38 2.59
CA THR A 137 14.43 11.17 3.41
C THR A 137 14.69 10.66 4.85
N LYS A 138 13.71 10.00 5.47
CA LYS A 138 13.81 9.53 6.86
C LYS A 138 14.42 8.16 6.87
N GLN A 139 15.20 7.87 7.89
CA GLN A 139 15.68 6.52 8.13
C GLN A 139 14.54 5.66 8.64
N TRP A 140 14.32 4.55 7.98
CA TRP A 140 13.34 3.61 8.47
C TRP A 140 13.75 2.19 8.20
N LYS A 141 13.22 1.32 9.04
CA LYS A 141 13.34 -0.12 8.90
C LYS A 141 12.01 -0.72 8.43
N TYR A 142 10.90 -0.25 9.02
CA TYR A 142 9.56 -0.68 8.67
C TYR A 142 8.71 0.55 8.41
N PRO A 143 7.80 0.44 7.43
CA PRO A 143 7.15 1.70 7.02
C PRO A 143 6.11 2.25 8.03
N ILE A 144 5.81 1.50 9.08
CA ILE A 144 4.93 2.02 10.17
C ILE A 144 5.56 3.21 10.85
N GLU A 145 6.89 3.31 10.71
CA GLU A 145 7.67 4.45 11.18
C GLU A 145 7.40 5.73 10.42
N LEU A 146 6.68 5.61 9.33
CA LEU A 146 6.39 6.76 8.45
C LEU A 146 4.95 7.26 8.61
N HIS A 147 4.81 8.54 8.41
CA HIS A 147 3.51 9.20 8.45
C HIS A 147 2.56 8.62 7.39
N GLY A 148 1.37 8.18 7.79
CA GLY A 148 0.34 7.72 6.85
C GLY A 148 0.25 6.20 6.78
N ILE A 149 1.23 5.51 7.37
CA ILE A 149 1.24 4.06 7.40
C ILE A 149 1.01 3.57 8.80
N GLY A 150 0.00 2.74 8.97
CA GLY A 150 -0.20 2.11 10.29
C GLY A 150 0.06 0.60 10.27
N LYS A 151 -0.66 -0.12 11.13
CA LYS A 151 -0.49 -1.54 11.19
C LYS A 151 -0.87 -2.24 9.91
N TYR A 152 -1.98 -1.83 9.28
CA TYR A 152 -2.42 -2.53 8.05
C TYR A 152 -1.36 -2.36 6.91
N GLY A 153 -0.95 -1.14 6.66
CA GLY A 153 0.10 -0.88 5.67
C GLY A 153 1.38 -1.62 6.00
N ASN A 154 1.79 -1.57 7.26
CA ASN A 154 2.95 -2.30 7.70
C ASN A 154 2.86 -3.78 7.47
N ASP A 155 1.75 -4.37 7.93
CA ASP A 155 1.53 -5.79 7.72
C ASP A 155 1.59 -6.11 6.24
N SER A 156 1.01 -5.26 5.40
CA SER A 156 1.03 -5.50 3.94
C SER A 156 2.49 -5.55 3.50
N TYR A 157 3.28 -4.60 3.97
CA TYR A 157 4.68 -4.53 3.61
C TYR A 157 5.43 -5.79 4.02
N ARG A 158 5.22 -6.23 5.25
CA ARG A 158 5.99 -7.33 5.79
C ARG A 158 5.56 -8.67 5.19
N ILE A 159 4.40 -8.71 4.53
CA ILE A 159 3.94 -9.92 3.85
C ILE A 159 4.40 -9.95 2.39
N PHE A 160 4.30 -8.81 1.71
CA PHE A 160 4.46 -8.79 0.26
C PHE A 160 5.82 -8.29 -0.18
N CYS A 161 6.39 -7.31 0.52
CA CYS A 161 7.61 -6.68 0.06
C CYS A 161 8.84 -7.37 0.61
N VAL A 162 8.73 -7.93 1.81
CA VAL A 162 9.80 -8.72 2.39
C VAL A 162 9.21 -10.04 2.84
N ASN A 163 10.09 -11.04 2.97
CA ASN A 163 9.69 -12.39 3.37
C ASN A 163 9.49 -12.52 4.88
N GLU A 164 8.50 -11.84 5.44
CA GLU A 164 8.26 -11.90 6.87
C GLU A 164 6.83 -12.28 7.22
N TRP A 165 6.13 -12.84 6.26
CA TRP A 165 4.74 -13.18 6.40
C TRP A 165 4.44 -14.13 7.58
N LYS A 166 5.33 -15.08 7.83
CA LYS A 166 5.20 -15.99 9.02
C LYS A 166 5.17 -15.28 10.39
N GLN A 167 5.84 -14.13 10.45
CA GLN A 167 5.92 -13.34 11.68
C GLN A 167 4.77 -12.34 11.86
N VAL A 168 3.97 -12.14 10.81
CA VAL A 168 2.90 -11.14 10.82
C VAL A 168 1.63 -11.67 11.43
N HIS A 169 0.93 -10.85 12.16
CA HIS A 169 -0.37 -11.22 12.81
C HIS A 169 -1.39 -10.15 12.45
N PRO A 170 -1.96 -10.26 11.24
CA PRO A 170 -2.77 -9.16 10.75
C PRO A 170 -4.13 -9.04 11.44
N GLU A 171 -4.67 -7.84 11.42
CA GLU A 171 -5.99 -7.54 11.99
C GLU A 171 -6.82 -6.84 10.95
N ASN A 172 -6.65 -7.22 9.69
CA ASN A 172 -7.36 -6.62 8.59
C ASN A 172 -7.97 -7.78 7.85
N HIS A 173 -9.29 -7.71 7.61
CA HIS A 173 -10.04 -8.82 7.08
C HIS A 173 -9.43 -9.37 5.77
N LYS A 174 -9.28 -8.54 4.73
CA LYS A 174 -8.70 -9.05 3.45
C LYS A 174 -7.32 -9.63 3.66
N LEU A 175 -6.52 -9.00 4.48
CA LEU A 175 -5.16 -9.40 4.69
C LEU A 175 -5.16 -10.75 5.40
N ASN A 176 -6.08 -10.94 6.33
CA ASN A 176 -6.18 -12.20 7.04
C ASN A 176 -6.54 -13.37 6.14
N LYS A 177 -7.45 -13.11 5.20
CA LYS A 177 -7.80 -14.10 4.19
C LYS A 177 -6.59 -14.53 3.38
N TYR A 178 -5.78 -13.56 2.96
CA TYR A 178 -4.58 -13.87 2.21
C TYR A 178 -3.63 -14.62 3.15
N HIS A 179 -3.48 -14.10 4.35
CA HIS A 179 -2.46 -14.60 5.25
C HIS A 179 -2.81 -16.02 5.73
N ASP A 180 -4.10 -16.24 6.05
CA ASP A 180 -4.53 -17.59 6.44
C ASP A 180 -4.33 -18.55 5.28
N TRP A 181 -4.75 -18.12 4.09
CA TRP A 181 -4.65 -18.92 2.89
C TRP A 181 -3.20 -19.38 2.61
N LEU A 182 -2.30 -18.44 2.81
CA LEU A 182 -0.88 -18.67 2.65
C LEU A 182 -0.35 -19.72 3.66
N TRP A 183 -0.78 -19.68 4.93
CA TRP A 183 -0.35 -20.74 5.86
C TRP A 183 -0.81 -22.13 5.37
N GLU A 184 -1.94 -22.17 4.69
CA GLU A 184 -2.53 -23.42 4.26
C GLU A 184 -1.94 -23.96 2.96
N ASN A 185 -1.31 -23.10 2.17
CA ASN A 185 -0.88 -23.49 0.83
C ASN A 185 0.61 -23.31 0.59
N HIS A 186 1.37 -22.87 1.60
CA HIS A 186 2.75 -22.50 1.37
C HIS A 186 3.62 -23.73 1.02
N GLU A 187 3.41 -24.84 1.71
CA GLU A 187 4.14 -26.05 1.41
C GLU A 187 3.87 -26.50 -0.05
N LYS A 188 2.60 -26.53 -0.40
CA LYS A 188 2.14 -26.83 -1.76
C LYS A 188 2.72 -25.88 -2.86
N LEU A 189 3.00 -24.64 -2.52
CA LEU A 189 3.57 -23.67 -3.46
C LEU A 189 5.12 -23.54 -3.35
N SER A 190 5.70 -24.08 -2.27
CA SER A 190 7.15 -23.84 -1.89
C SER A 190 7.45 -22.43 -1.41
P 6OG C 6 -11.46 15.24 4.01
OP1 6OG C 6 -10.13 15.05 3.35
OP2 6OG C 6 -12.03 16.60 4.19
O5' 6OG C 6 -12.57 14.31 3.31
N9 6OG C 6 -15.74 10.58 4.12
C4 6OG C 6 -15.28 9.34 3.89
N3 6OG C 6 -14.76 8.68 2.81
C2 6OG C 6 -14.37 7.40 2.98
N2 6OG C 6 -13.87 6.80 1.92
N1 6OG C 6 -14.50 6.71 4.16
C6 6OG C 6 -14.99 7.32 5.26
O6 6OG C 6 -15.21 6.83 6.49
C5 6OG C 6 -15.43 8.68 5.16
N7 6OG C 6 -15.97 9.53 6.03
C8 6OG C 6 -16.17 10.71 5.39
C2' 6OG C 6 -16.81 12.68 3.23
C5' 6OG C 6 -13.97 14.60 3.29
C4' 6OG C 6 -14.70 13.53 2.50
O4' 6OG C 6 -14.56 12.30 3.17
C1' 6OG C 6 -15.77 11.59 3.08
C3' 6OG C 6 -16.21 13.75 2.37
O3' 6OG C 6 -16.68 13.47 1.07
C 6OG C 6 -14.45 5.80 7.09
MG MG D . 3.21 5.63 10.79
#